data_5A1Q
#
_entry.id   5A1Q
#
_cell.length_a   42.500
_cell.length_b   56.720
_cell.length_c   62.910
_cell.angle_alpha   90.00
_cell.angle_beta   90.00
_cell.angle_gamma   90.00
#
_symmetry.space_group_name_H-M   'P 21 21 21'
#
loop_
_entity.id
_entity.type
_entity.pdbx_description
1 polymer AF1502
2 non-polymer 'SULFATE ION'
3 water water
#
_entity_poly.entity_id   1
_entity_poly.type   'polypeptide(L)'
_entity_poly.pdbx_seq_one_letter_code
;GSH(MSE)ITYKKLLDELKKEIGPIAKIFLNKA(MSE)ESLGYDDVDDSNYKEILSVLK(MSE)NKELREYVEIVEERLE
KEG
;
_entity_poly.pdbx_strand_id   A,B
#
# COMPACT_ATOMS: atom_id res chain seq x y z
N HIS A 3 6.37 25.94 -1.02
CA HIS A 3 6.17 24.97 0.11
C HIS A 3 5.26 23.77 -0.21
N ILE A 5 4.02 20.22 -1.33
CA ILE A 5 4.69 18.94 -1.51
C ILE A 5 4.47 18.54 -2.99
N THR A 6 5.52 18.05 -3.63
CA THR A 6 5.45 17.54 -5.01
C THR A 6 5.98 16.10 -5.02
N TYR A 7 5.74 15.40 -6.14
CA TYR A 7 6.38 14.15 -6.33
C TYR A 7 7.95 14.23 -6.21
N LYS A 8 8.56 15.21 -6.86
CA LYS A 8 10.00 15.35 -6.80
C LYS A 8 10.45 15.55 -5.34
N LYS A 9 9.73 16.40 -4.61
CA LYS A 9 10.11 16.67 -3.23
C LYS A 9 10.02 15.38 -2.37
N LEU A 10 8.92 14.62 -2.50
CA LEU A 10 8.68 13.50 -1.68
C LEU A 10 9.69 12.39 -2.06
N LEU A 11 9.92 12.16 -3.37
CA LEU A 11 10.90 11.17 -3.79
C LEU A 11 12.29 11.58 -3.30
N ASP A 12 12.66 12.85 -3.41
CA ASP A 12 13.97 13.30 -2.92
C ASP A 12 14.15 13.07 -1.40
N GLU A 13 13.13 13.36 -0.61
CA GLU A 13 13.22 13.09 0.84
C GLU A 13 13.35 11.58 1.12
N LEU A 14 12.62 10.73 0.39
CA LEU A 14 12.67 9.31 0.65
C LEU A 14 13.98 8.72 0.22
N LYS A 15 14.53 9.18 -0.90
CA LYS A 15 15.80 8.66 -1.37
C LYS A 15 16.92 9.02 -0.42
N LYS A 16 16.82 10.19 0.24
CA LYS A 16 17.80 10.56 1.26
C LYS A 16 17.92 9.47 2.35
N GLU A 17 16.79 8.90 2.75
CA GLU A 17 16.75 7.88 3.80
C GLU A 17 16.97 6.41 3.32
N ILE A 18 16.39 6.07 2.17
CA ILE A 18 16.14 4.69 1.70
C ILE A 18 17.01 4.33 0.47
N GLY A 19 17.56 5.30 -0.24
CA GLY A 19 18.32 5.07 -1.46
C GLY A 19 17.47 5.01 -2.68
N PRO A 20 18.10 4.68 -3.83
CA PRO A 20 17.41 4.71 -5.12
C PRO A 20 16.08 3.91 -5.22
N ILE A 21 16.00 2.80 -4.46
CA ILE A 21 14.82 1.95 -4.46
C ILE A 21 13.55 2.68 -3.99
N ALA A 22 13.71 3.82 -3.32
CA ALA A 22 12.55 4.60 -2.89
C ALA A 22 11.62 4.82 -4.10
N LYS A 23 12.13 4.94 -5.29
CA LYS A 23 11.32 5.24 -6.46
C LYS A 23 10.25 4.12 -6.59
N ILE A 24 10.68 2.87 -6.51
CA ILE A 24 9.68 1.83 -6.70
CA ILE A 24 9.73 1.76 -6.65
C ILE A 24 8.67 1.75 -5.54
N PHE A 25 9.11 1.94 -4.29
CA PHE A 25 8.17 1.91 -3.20
C PHE A 25 7.14 3.05 -3.36
N LEU A 26 7.63 4.24 -3.65
CA LEU A 26 6.71 5.40 -3.79
C LEU A 26 5.68 5.10 -4.93
N ASN A 27 6.18 4.68 -6.08
CA ASN A 27 5.29 4.48 -7.23
C ASN A 27 4.27 3.33 -6.89
N LYS A 28 4.74 2.22 -6.29
CA LYS A 28 3.82 1.12 -6.01
C LYS A 28 2.74 1.56 -4.95
N ALA A 29 3.12 2.39 -3.97
CA ALA A 29 2.14 2.86 -3.00
C ALA A 29 1.09 3.76 -3.72
N GLU A 31 0.26 3.86 -6.87
CA GLU A 31 -0.54 3.05 -7.81
C GLU A 31 -1.60 2.21 -7.03
N SER A 32 -1.19 1.65 -5.89
CA SER A 32 -2.16 0.86 -5.07
C SER A 32 -3.31 1.73 -4.62
N LEU A 33 -3.03 3.00 -4.26
CA LEU A 33 -4.03 3.92 -3.79
C LEU A 33 -4.85 4.60 -4.89
N GLY A 34 -4.38 4.51 -6.13
CA GLY A 34 -5.06 5.13 -7.28
C GLY A 34 -4.74 6.62 -7.37
N TYR A 35 -3.59 7.04 -6.85
CA TYR A 35 -3.16 8.46 -6.95
C TYR A 35 -2.13 8.64 -8.11
N ASP A 36 -2.39 9.61 -9.03
CA ASP A 36 -1.48 9.83 -10.16
C ASP A 36 -0.56 11.02 -9.93
N ASP A 37 -0.67 11.65 -8.78
CA ASP A 37 0.31 12.66 -8.44
C ASP A 37 0.47 12.72 -6.91
N VAL A 38 1.38 13.59 -6.49
CA VAL A 38 1.63 13.82 -5.08
C VAL A 38 1.33 15.28 -4.84
N ASP A 39 0.51 15.56 -3.80
CA ASP A 39 0.21 16.92 -3.45
C ASP A 39 -0.09 17.05 -1.94
N ASP A 40 -0.38 18.30 -1.51
CA ASP A 40 -0.61 18.50 -0.06
C ASP A 40 -1.76 17.64 0.46
N SER A 41 -2.72 17.34 -0.40
CA SER A 41 -3.90 16.61 0.06
C SER A 41 -3.66 15.13 0.26
N ASN A 42 -2.65 14.53 -0.40
CA ASN A 42 -2.50 13.06 -0.40
C ASN A 42 -1.21 12.54 0.10
N TYR A 43 -0.20 13.41 0.35
CA TYR A 43 1.09 12.88 0.72
C TYR A 43 1.13 12.12 2.03
N LYS A 44 0.31 12.51 2.99
CA LYS A 44 0.40 11.87 4.27
C LYS A 44 -0.18 10.46 4.13
N GLU A 45 -1.20 10.33 3.30
CA GLU A 45 -1.77 8.97 3.04
C GLU A 45 -0.80 8.07 2.33
N ILE A 46 -0.11 8.58 1.32
CA ILE A 46 0.97 7.84 0.71
C ILE A 46 2.05 7.36 1.70
N LEU A 47 2.53 8.25 2.54
CA LEU A 47 3.46 7.87 3.56
C LEU A 47 2.88 6.91 4.58
N SER A 48 1.59 7.00 4.89
CA SER A 48 0.99 6.07 5.83
C SER A 48 1.13 4.60 5.30
N VAL A 49 0.94 4.38 4.02
CA VAL A 49 1.17 3.05 3.42
C VAL A 49 2.60 2.57 3.61
N LEU A 50 3.58 3.41 3.30
CA LEU A 50 4.95 3.06 3.39
C LEU A 50 5.39 2.87 4.84
N LYS A 51 4.78 3.58 5.79
CA LYS A 51 5.06 3.32 7.21
C LYS A 51 4.63 1.91 7.68
N ASN A 53 5.17 -0.68 5.99
CA ASN A 53 6.25 -1.57 5.56
C ASN A 53 7.28 -1.66 6.66
N LYS A 54 7.41 -2.80 7.35
CA LYS A 54 8.30 -2.90 8.52
C LYS A 54 9.77 -2.54 8.25
N GLU A 55 10.30 -2.86 7.08
CA GLU A 55 11.67 -2.52 6.75
C GLU A 55 11.94 -1.06 6.46
N LEU A 56 10.88 -0.34 6.06
CA LEU A 56 10.94 1.09 5.76
C LEU A 56 10.50 1.98 6.92
N ARG A 57 9.74 1.43 7.87
CA ARG A 57 8.95 2.24 8.84
C ARG A 57 9.80 3.37 9.51
N GLU A 58 10.96 3.04 10.04
CA GLU A 58 11.72 4.10 10.74
C GLU A 58 12.13 5.22 9.80
N TYR A 59 12.51 4.83 8.59
CA TYR A 59 13.01 5.79 7.62
C TYR A 59 11.86 6.69 7.14
N VAL A 60 10.66 6.12 6.94
CA VAL A 60 9.49 6.90 6.56
C VAL A 60 9.08 7.86 7.70
N GLU A 61 9.19 7.44 8.97
CA GLU A 61 8.89 8.25 10.14
C GLU A 61 9.82 9.47 10.09
N ILE A 62 11.10 9.24 9.77
CA ILE A 62 12.08 10.36 9.68
C ILE A 62 11.63 11.38 8.57
N VAL A 63 11.22 10.86 7.39
CA VAL A 63 10.71 11.79 6.34
C VAL A 63 9.51 12.54 6.82
N GLU A 64 8.56 11.84 7.45
CA GLU A 64 7.38 12.55 7.99
C GLU A 64 7.76 13.66 8.95
N GLU A 65 8.68 13.34 9.86
CA GLU A 65 9.13 14.28 10.82
C GLU A 65 9.78 15.54 10.20
N ARG A 66 10.57 15.31 9.17
CA ARG A 66 11.26 16.40 8.44
C ARG A 66 10.27 17.27 7.71
N LEU A 67 9.21 16.67 7.17
CA LEU A 67 8.18 17.45 6.48
C LEU A 67 7.38 18.27 7.46
N GLU A 68 7.06 17.69 8.62
CA GLU A 68 6.37 18.43 9.69
C GLU A 68 7.15 19.65 10.16
N LYS A 69 8.47 19.50 10.29
CA LYS A 69 9.33 20.59 10.75
C LYS A 69 9.35 21.77 9.78
N GLU A 70 9.41 21.46 8.49
CA GLU A 70 9.37 22.47 7.43
C GLU A 70 7.99 23.16 7.27
N GLY A 71 6.94 22.54 7.79
CA GLY A 71 5.56 23.06 7.66
C GLY A 71 5.27 24.19 8.63
N HIS B 3 -8.15 -23.59 7.67
CA HIS B 3 -8.90 -22.41 7.08
C HIS B 3 -8.00 -21.18 6.87
N ILE B 5 -5.52 -18.38 5.58
CA ILE B 5 -5.53 -17.58 4.34
CA ILE B 5 -5.51 -17.64 4.33
C ILE B 5 -4.15 -17.84 3.66
N THR B 6 -4.19 -18.01 2.35
CA THR B 6 -2.98 -18.15 1.51
C THR B 6 -3.07 -17.15 0.38
N TYR B 7 -1.96 -17.03 -0.36
CA TYR B 7 -1.99 -16.16 -1.53
C TYR B 7 -3.10 -16.57 -2.50
N LYS B 8 -3.22 -17.87 -2.78
CA LYS B 8 -4.20 -18.36 -3.74
C LYS B 8 -5.63 -18.07 -3.30
N LYS B 9 -5.94 -18.22 -1.99
CA LYS B 9 -7.26 -17.94 -1.44
C LYS B 9 -7.58 -16.47 -1.48
N LEU B 10 -6.58 -15.57 -1.15
CA LEU B 10 -6.82 -14.19 -1.26
C LEU B 10 -6.98 -13.72 -2.72
N LEU B 11 -6.14 -14.22 -3.61
CA LEU B 11 -6.32 -13.87 -5.02
C LEU B 11 -7.65 -14.38 -5.58
N ASP B 12 -8.04 -15.59 -5.23
CA ASP B 12 -9.30 -16.20 -5.77
C ASP B 12 -10.48 -15.35 -5.30
N GLU B 13 -10.46 -14.93 -4.05
CA GLU B 13 -11.56 -14.08 -3.56
C GLU B 13 -11.55 -12.71 -4.22
N LEU B 14 -10.38 -12.10 -4.39
CA LEU B 14 -10.31 -10.83 -5.05
C LEU B 14 -10.83 -10.92 -6.50
N LYS B 15 -10.50 -12.02 -7.20
CA LYS B 15 -10.94 -12.25 -8.60
C LYS B 15 -12.45 -12.31 -8.71
N LYS B 16 -13.14 -12.83 -7.68
CA LYS B 16 -14.60 -12.88 -7.72
C LYS B 16 -15.25 -11.51 -7.86
N GLU B 17 -14.56 -10.48 -7.39
CA GLU B 17 -15.06 -9.06 -7.49
C GLU B 17 -14.40 -8.23 -8.61
N ILE B 18 -13.09 -8.36 -8.80
CA ILE B 18 -12.37 -7.46 -9.67
C ILE B 18 -11.58 -8.15 -10.80
N GLY B 19 -11.81 -9.43 -10.94
CA GLY B 19 -11.39 -10.18 -12.09
C GLY B 19 -9.96 -9.96 -12.46
N PRO B 20 -9.72 -9.56 -13.70
CA PRO B 20 -8.39 -9.51 -14.25
C PRO B 20 -7.47 -8.45 -13.71
N ILE B 21 -7.97 -7.60 -12.84
CA ILE B 21 -7.07 -6.61 -12.23
C ILE B 21 -6.70 -7.02 -10.80
N ALA B 22 -7.23 -8.13 -10.31
CA ALA B 22 -6.93 -8.64 -8.94
C ALA B 22 -5.42 -8.92 -8.72
N LYS B 23 -4.79 -9.69 -9.62
CA LYS B 23 -3.40 -10.06 -9.48
C LYS B 23 -2.49 -8.84 -9.47
N ILE B 24 -2.78 -7.93 -10.37
CA ILE B 24 -1.88 -6.74 -10.47
C ILE B 24 -2.02 -5.86 -9.24
N PHE B 25 -3.23 -5.65 -8.71
CA PHE B 25 -3.40 -4.84 -7.52
C PHE B 25 -2.88 -5.53 -6.27
N LEU B 26 -3.11 -6.83 -6.15
CA LEU B 26 -2.56 -7.58 -5.02
C LEU B 26 -1.06 -7.41 -4.97
N ASN B 27 -0.38 -7.62 -6.09
CA ASN B 27 1.05 -7.49 -6.13
CA ASN B 27 1.09 -7.48 -6.15
C ASN B 27 1.56 -6.06 -5.83
N LYS B 28 0.89 -5.04 -6.39
CA LYS B 28 1.27 -3.69 -6.01
C LYS B 28 1.21 -3.41 -4.54
N ALA B 29 0.11 -3.80 -3.88
CA ALA B 29 -0.08 -3.50 -2.52
C ALA B 29 0.95 -4.29 -1.68
N GLU B 31 3.94 -5.37 -2.60
CA GLU B 31 5.23 -4.80 -2.84
C GLU B 31 5.43 -3.50 -2.05
N SER B 32 4.40 -2.67 -2.00
CA SER B 32 4.48 -1.44 -1.18
CA SER B 32 4.57 -1.43 -1.25
C SER B 32 4.73 -1.70 0.26
N LEU B 33 4.05 -2.74 0.79
CA LEU B 33 4.09 -3.11 2.17
C LEU B 33 5.27 -3.99 2.60
N GLY B 34 5.99 -4.47 1.57
CA GLY B 34 7.14 -5.32 1.85
C GLY B 34 6.84 -6.76 2.28
N TYR B 35 5.67 -7.22 1.95
CA TYR B 35 5.25 -8.55 2.37
C TYR B 35 5.69 -9.54 1.26
N ASP B 36 6.32 -10.61 1.69
CA ASP B 36 6.88 -11.61 0.75
C ASP B 36 6.04 -12.91 0.74
N ASP B 37 4.91 -12.86 1.39
CA ASP B 37 3.92 -13.93 1.31
C ASP B 37 2.59 -13.35 1.80
N VAL B 38 1.56 -14.16 1.74
CA VAL B 38 0.28 -13.81 2.27
C VAL B 38 -0.09 -14.84 3.33
N ASP B 39 -0.47 -14.36 4.50
CA ASP B 39 -0.95 -15.21 5.55
C ASP B 39 -1.96 -14.54 6.48
N ASP B 40 -2.38 -15.26 7.53
CA ASP B 40 -3.40 -14.67 8.38
C ASP B 40 -2.89 -13.36 9.03
N SER B 41 -1.57 -13.25 9.27
CA SER B 41 -1.02 -12.07 9.95
CA SER B 41 -0.98 -12.08 9.95
C SER B 41 -0.97 -10.81 9.09
N ASN B 42 -1.04 -10.93 7.75
CA ASN B 42 -0.91 -9.74 6.89
C ASN B 42 -2.02 -9.47 5.88
N TYR B 43 -2.93 -10.43 5.66
CA TYR B 43 -3.91 -10.22 4.62
C TYR B 43 -4.80 -9.00 4.83
N LYS B 44 -5.16 -8.72 6.07
CA LYS B 44 -6.04 -7.57 6.33
C LYS B 44 -5.37 -6.25 5.96
N GLU B 45 -4.07 -6.18 6.19
CA GLU B 45 -3.26 -5.00 5.94
CA GLU B 45 -3.28 -4.96 5.91
CA GLU B 45 -3.39 -4.88 5.90
C GLU B 45 -3.21 -4.75 4.40
N ILE B 46 -3.00 -5.84 3.65
CA ILE B 46 -3.06 -5.73 2.18
C ILE B 46 -4.40 -5.17 1.69
N LEU B 47 -5.52 -5.72 2.23
CA LEU B 47 -6.84 -5.31 1.81
C LEU B 47 -7.10 -3.90 2.27
N SER B 48 -6.59 -3.48 3.46
CA SER B 48 -6.80 -2.12 3.93
CA SER B 48 -6.75 -2.12 3.96
CA SER B 48 -6.78 -2.12 3.95
C SER B 48 -6.21 -1.09 2.98
N VAL B 49 -5.06 -1.37 2.38
CA VAL B 49 -4.50 -0.46 1.37
C VAL B 49 -5.41 -0.34 0.16
N LEU B 50 -5.83 -1.47 -0.38
CA LEU B 50 -6.68 -1.47 -1.59
C LEU B 50 -8.06 -0.86 -1.29
N LYS B 51 -8.59 -1.00 -0.05
CA LYS B 51 -9.85 -0.29 0.31
C LYS B 51 -9.74 1.22 0.26
N ASN B 53 -8.30 2.83 -2.13
CA ASN B 53 -8.42 3.18 -3.52
C ASN B 53 -9.94 3.38 -3.84
N LYS B 54 -10.33 4.58 -4.23
CA LYS B 54 -11.73 4.89 -4.42
C LYS B 54 -12.39 4.01 -5.44
N GLU B 55 -11.66 3.66 -6.50
CA GLU B 55 -12.19 2.76 -7.50
C GLU B 55 -12.49 1.36 -7.05
N LEU B 56 -11.64 0.81 -6.16
CA LEU B 56 -11.75 -0.53 -5.76
C LEU B 56 -12.58 -0.70 -4.51
N ARG B 57 -12.73 0.36 -3.71
CA ARG B 57 -13.23 0.28 -2.33
C ARG B 57 -14.44 -0.65 -2.09
N GLU B 58 -15.54 -0.44 -2.83
CA GLU B 58 -16.74 -1.24 -2.58
C GLU B 58 -16.57 -2.70 -2.85
N TYR B 59 -15.73 -3.02 -3.84
CA TYR B 59 -15.47 -4.38 -4.18
C TYR B 59 -14.55 -5.07 -3.15
N VAL B 60 -13.57 -4.32 -2.68
CA VAL B 60 -12.62 -4.84 -1.68
C VAL B 60 -13.33 -5.10 -0.35
N GLU B 61 -14.29 -4.25 0.04
CA GLU B 61 -15.11 -4.46 1.22
C GLU B 61 -15.81 -5.84 1.18
N ILE B 62 -16.38 -6.18 0.03
CA ILE B 62 -17.11 -7.44 -0.11
C ILE B 62 -16.06 -8.61 0.09
N VAL B 63 -14.88 -8.46 -0.50
CA VAL B 63 -13.83 -9.52 -0.43
C VAL B 63 -13.44 -9.69 1.04
N GLU B 64 -13.24 -8.57 1.74
CA GLU B 64 -12.82 -8.64 3.15
C GLU B 64 -13.86 -9.27 4.02
N GLU B 65 -15.12 -8.91 3.76
CA GLU B 65 -16.22 -9.44 4.53
C GLU B 65 -16.31 -10.97 4.34
N ARG B 66 -16.15 -11.42 3.10
CA ARG B 66 -16.27 -12.87 2.83
C ARG B 66 -15.09 -13.60 3.53
N LEU B 67 -13.90 -13.07 3.45
CA LEU B 67 -12.70 -13.76 4.07
C LEU B 67 -12.76 -13.82 5.58
N GLU B 68 -13.34 -12.80 6.20
CA GLU B 68 -13.52 -12.75 7.64
C GLU B 68 -14.48 -13.80 8.11
N LYS B 69 -15.54 -14.01 7.33
CA LYS B 69 -16.50 -15.08 7.66
C LYS B 69 -15.78 -16.42 7.78
N GLU B 70 -14.99 -16.77 6.75
CA GLU B 70 -14.17 -17.99 6.74
C GLU B 70 -13.12 -18.03 7.87
#